data_5KMY
#
_entry.id   5KMY
#
_cell.length_a   43.707
_cell.length_b   69.654
_cell.length_c   75.075
_cell.angle_alpha   90.00
_cell.angle_beta   90.00
_cell.angle_gamma   90.00
#
_symmetry.space_group_name_H-M   'P 21 21 21'
#
loop_
_entity.id
_entity.type
_entity.pdbx_description
1 polymer 'Tryptophan synthase alpha chain'
2 water water
#
_entity_poly.entity_id   1
_entity_poly.type   'polypeptide(L)'
_entity_poly.pdbx_seq_one_letter_code
;SNA(MSE)NRIDKTLEKLKANRKK(MSE)LSPYITAGDPYPELTVSL(MSE)HQLVKSGADVLELGIPFSDP(MSE)AEG
PVIQRA(MSE)ERALAHSIHCDDVLN(MSE)VRQFRKTDTETPVIL(MSE)GYLNPIEQYGYDLFAQQAVEAGADGTILV
DLPPEEADGVSRVWQKHGLYSIYLCSPTTSAER(MSE)NFINQHANGYLYYVSLKGVTGSDALKLPELKAQYLQRKAQSK
LPL(MSE)VGFGIKTPE(MSE)AAQVAEFADGVIVGAALINEIIEAYEAKKDPLQASGALLSS(MSE)RQAIDNIGS
(MSE)V
;
_entity_poly.pdbx_strand_id   A
#
# COMPACT_ATOMS: atom_id res chain seq x y z
N ALA A 3 8.24 -11.10 18.33
CA ALA A 3 8.85 -10.21 17.37
C ALA A 3 8.03 -8.95 17.19
N MSE A 4 8.69 -7.83 16.92
CA MSE A 4 7.98 -6.60 16.62
C MSE A 4 8.03 -6.30 15.12
O MSE A 4 9.10 -6.15 14.54
CB MSE A 4 8.54 -5.43 17.43
CG MSE A 4 7.65 -4.21 17.41
SE MSE A 4 8.31 -2.73 18.52
CE MSE A 4 6.83 -1.50 18.21
N ASN A 5 6.86 -6.24 14.50
CA ASN A 5 6.76 -5.99 13.07
C ASN A 5 7.24 -4.57 12.71
N ARG A 6 7.92 -4.43 11.57
CA ARG A 6 8.36 -3.11 11.10
C ARG A 6 7.21 -2.10 11.02
N ILE A 7 6.01 -2.57 10.67
CA ILE A 7 4.85 -1.69 10.55
C ILE A 7 4.49 -1.04 11.89
N ASP A 8 4.48 -1.84 12.95
CA ASP A 8 4.18 -1.31 14.28
C ASP A 8 5.27 -0.34 14.75
N LYS A 9 6.52 -0.67 14.48
CA LYS A 9 7.62 0.22 14.87
C LYS A 9 7.47 1.57 14.18
N THR A 10 7.18 1.55 12.90
CA THR A 10 7.05 2.78 12.13
C THR A 10 5.85 3.61 12.55
N LEU A 11 4.70 2.97 12.77
CA LEU A 11 3.48 3.70 13.14
C LEU A 11 3.57 4.28 14.55
N GLU A 12 4.28 3.60 15.44
CA GLU A 12 4.47 4.11 16.80
C GLU A 12 5.26 5.43 16.79
N LYS A 13 6.31 5.48 15.98
CA LYS A 13 7.11 6.70 15.84
C LYS A 13 6.29 7.84 15.23
N LEU A 14 5.55 7.54 14.17
CA LEU A 14 4.68 8.54 13.54
C LEU A 14 3.64 9.07 14.52
N LYS A 15 2.97 8.17 15.21
CA LYS A 15 1.92 8.55 16.17
C LYS A 15 2.47 9.47 17.26
N ALA A 16 3.64 9.12 17.79
CA ALA A 16 4.25 9.90 18.88
C ALA A 16 4.59 11.32 18.43
N ASN A 17 4.90 11.48 17.15
CA ASN A 17 5.25 12.79 16.61
C ASN A 17 4.12 13.53 15.93
N ARG A 18 2.91 12.96 15.95
CA ARG A 18 1.77 13.55 15.25
C ARG A 18 2.11 13.72 13.77
N LYS A 19 2.80 12.73 13.22
CA LYS A 19 3.15 12.76 11.80
C LYS A 19 2.24 11.82 11.05
N LYS A 20 1.66 12.28 9.95
CA LYS A 20 0.71 11.46 9.21
C LYS A 20 1.45 10.53 8.25
N MSE A 21 0.96 9.31 8.10
CA MSE A 21 1.62 8.33 7.25
C MSE A 21 1.43 8.66 5.79
O MSE A 21 0.35 9.07 5.38
CB MSE A 21 1.12 6.91 7.52
CG MSE A 21 1.95 5.84 6.80
SE MSE A 21 0.98 4.23 6.31
CE MSE A 21 -0.33 5.06 5.12
N LEU A 22 2.50 8.50 5.01
CA LEU A 22 2.42 8.66 3.57
C LEU A 22 2.94 7.38 2.92
N SER A 23 2.06 6.71 2.18
CA SER A 23 2.41 5.42 1.59
C SER A 23 2.11 5.35 0.10
N PRO A 24 3.17 5.34 -0.72
CA PRO A 24 2.98 5.22 -2.16
C PRO A 24 2.79 3.77 -2.60
N TYR A 25 2.00 3.58 -3.65
CA TYR A 25 1.87 2.28 -4.29
C TYR A 25 2.56 2.30 -5.64
N ILE A 26 3.35 1.28 -5.94
CA ILE A 26 3.79 1.05 -7.31
C ILE A 26 3.64 -0.41 -7.67
N THR A 27 3.46 -0.70 -8.95
CA THR A 27 3.39 -2.09 -9.41
C THR A 27 4.80 -2.60 -9.69
N ALA A 28 5.15 -3.72 -9.08
CA ALA A 28 6.47 -4.30 -9.32
C ALA A 28 6.59 -4.65 -10.80
N GLY A 29 7.72 -4.28 -11.40
CA GLY A 29 7.96 -4.61 -12.80
C GLY A 29 7.56 -3.54 -13.81
N ASP A 30 6.97 -2.46 -13.32
CA ASP A 30 6.42 -1.41 -14.20
C ASP A 30 7.21 -0.12 -14.08
N PRO A 31 7.68 0.45 -15.21
CA PRO A 31 7.54 0.05 -16.62
C PRO A 31 8.51 -1.05 -17.08
N TYR A 32 9.56 -1.32 -16.30
CA TYR A 32 10.41 -2.48 -16.55
C TYR A 32 11.07 -2.89 -15.23
N PRO A 33 11.45 -4.17 -15.08
CA PRO A 33 11.81 -4.74 -13.78
C PRO A 33 12.99 -4.04 -13.08
N GLU A 34 13.97 -3.59 -13.86
CA GLU A 34 15.19 -3.02 -13.29
C GLU A 34 15.00 -1.67 -12.63
N LEU A 35 13.82 -1.06 -12.81
CA LEU A 35 13.56 0.24 -12.24
C LEU A 35 12.91 0.15 -10.85
N THR A 36 12.30 -0.99 -10.56
CA THR A 36 11.46 -1.12 -9.37
C THR A 36 12.23 -0.84 -8.07
N VAL A 37 13.38 -1.48 -7.87
CA VAL A 37 14.09 -1.27 -6.61
C VAL A 37 14.60 0.16 -6.50
N SER A 38 15.05 0.73 -7.60
CA SER A 38 15.49 2.13 -7.62
C SER A 38 14.34 3.07 -7.28
N LEU A 39 13.16 2.76 -7.83
CA LEU A 39 11.96 3.54 -7.51
C LEU A 39 11.64 3.45 -6.03
N MSE A 40 11.73 2.25 -5.47
CA MSE A 40 11.45 2.05 -4.04
C MSE A 40 12.36 2.94 -3.19
O MSE A 40 11.90 3.62 -2.28
CB MSE A 40 11.62 0.57 -3.64
CG MSE A 40 10.62 -0.39 -4.27
SE MSE A 40 11.00 -2.28 -3.91
CE MSE A 40 10.60 -2.38 -2.00
N HIS A 41 13.66 2.95 -3.51
CA HIS A 41 14.62 3.77 -2.77
C HIS A 41 14.35 5.27 -2.95
N GLN A 42 13.98 5.67 -4.17
CA GLN A 42 13.66 7.07 -4.42
C GLN A 42 12.47 7.51 -3.58
N LEU A 43 11.44 6.66 -3.50
CA LEU A 43 10.24 6.98 -2.74
C LEU A 43 10.55 7.21 -1.26
N VAL A 44 11.43 6.37 -0.71
CA VAL A 44 11.89 6.53 0.67
C VAL A 44 12.64 7.86 0.83
N LYS A 45 13.55 8.14 -0.10
CA LYS A 45 14.27 9.42 -0.11
C LYS A 45 13.29 10.59 -0.10
N SER A 46 12.19 10.44 -0.84
CA SER A 46 11.26 11.54 -1.03
C SER A 46 10.14 11.59 0.00
N GLY A 47 10.18 10.71 1.00
CA GLY A 47 9.31 10.85 2.15
C GLY A 47 8.35 9.74 2.49
N ALA A 48 8.47 8.60 1.82
CA ALA A 48 7.58 7.47 2.09
C ALA A 48 7.86 6.85 3.46
N ASP A 49 6.80 6.60 4.21
CA ASP A 49 6.90 5.94 5.50
C ASP A 49 6.75 4.43 5.36
N VAL A 50 5.95 4.04 4.39
CA VAL A 50 5.63 2.65 4.12
C VAL A 50 5.53 2.48 2.61
N LEU A 51 6.02 1.36 2.09
CA LEU A 51 5.92 1.11 0.65
C LEU A 51 4.89 0.03 0.35
N GLU A 52 3.99 0.31 -0.58
CA GLU A 52 3.08 -0.71 -1.10
C GLU A 52 3.60 -1.16 -2.45
N LEU A 53 3.88 -2.46 -2.56
CA LEU A 53 4.42 -3.02 -3.78
C LEU A 53 3.42 -4.02 -4.36
N GLY A 54 2.95 -3.74 -5.57
CA GLY A 54 1.92 -4.57 -6.17
C GLY A 54 2.46 -5.77 -6.91
N ILE A 55 1.87 -6.93 -6.66
CA ILE A 55 2.15 -8.12 -7.43
C ILE A 55 1.18 -8.16 -8.62
N PRO A 56 1.72 -8.14 -9.85
CA PRO A 56 0.92 -8.13 -11.07
C PRO A 56 0.01 -9.35 -11.16
N PHE A 57 -1.24 -9.18 -11.59
CA PHE A 57 -2.16 -10.30 -11.74
C PHE A 57 -2.92 -10.26 -13.06
N SER A 58 -3.18 -11.43 -13.64
CA SER A 58 -3.74 -11.50 -14.99
C SER A 58 -5.24 -11.18 -15.06
N ASP A 59 -5.94 -11.23 -13.92
CA ASP A 59 -7.37 -10.94 -13.94
C ASP A 59 -7.78 -9.91 -12.88
N PRO A 60 -7.37 -8.65 -13.05
CA PRO A 60 -7.65 -7.61 -12.06
C PRO A 60 -8.95 -6.83 -12.33
N MSE A 61 -10.08 -7.52 -12.33
CA MSE A 61 -11.36 -6.90 -12.69
C MSE A 61 -11.80 -5.80 -11.73
O MSE A 61 -12.69 -5.01 -12.05
CB MSE A 61 -12.46 -7.97 -12.76
N ALA A 62 -11.17 -5.73 -10.56
CA ALA A 62 -11.56 -4.78 -9.53
C ALA A 62 -10.81 -3.46 -9.61
N GLU A 63 -9.68 -3.45 -10.32
CA GLU A 63 -8.82 -2.26 -10.35
C GLU A 63 -9.28 -1.23 -11.38
N GLY A 64 -8.89 0.02 -11.16
CA GLY A 64 -9.15 1.08 -12.12
C GLY A 64 -8.21 0.96 -13.31
N PRO A 65 -8.46 1.77 -14.35
CA PRO A 65 -7.71 1.70 -15.61
C PRO A 65 -6.22 1.94 -15.46
N VAL A 66 -5.82 2.78 -14.53
CA VAL A 66 -4.41 3.11 -14.36
C VAL A 66 -3.63 1.93 -13.82
N ILE A 67 -4.18 1.27 -12.80
CA ILE A 67 -3.56 0.09 -12.22
C ILE A 67 -3.57 -1.08 -13.20
N GLN A 68 -4.70 -1.26 -13.88
CA GLN A 68 -4.84 -2.33 -14.87
C GLN A 68 -3.73 -2.25 -15.91
N ARG A 69 -3.48 -1.06 -16.43
CA ARG A 69 -2.45 -0.90 -17.46
C ARG A 69 -1.06 -1.15 -16.89
N ALA A 70 -0.84 -0.74 -15.64
CA ALA A 70 0.43 -0.97 -14.96
C ALA A 70 0.70 -2.48 -14.86
N MSE A 71 -0.33 -3.24 -14.51
CA MSE A 71 -0.17 -4.68 -14.36
C MSE A 71 0.10 -5.34 -15.71
O MSE A 71 0.88 -6.28 -15.80
CB MSE A 71 -1.41 -5.28 -13.69
CG MSE A 71 -1.48 -4.94 -12.19
SE MSE A 71 -2.92 -5.82 -11.26
CE MSE A 71 -2.42 -5.33 -9.45
N GLU A 72 -0.53 -4.83 -16.76
CA GLU A 72 -0.32 -5.36 -18.10
C GLU A 72 1.13 -5.13 -18.51
N ARG A 73 1.66 -3.95 -18.21
CA ARG A 73 3.05 -3.63 -18.54
C ARG A 73 4.00 -4.57 -17.78
N ALA A 74 3.70 -4.81 -16.52
CA ALA A 74 4.56 -5.67 -15.71
C ALA A 74 4.48 -7.13 -16.19
N LEU A 75 3.29 -7.56 -16.59
CA LEU A 75 3.11 -8.95 -17.02
C LEU A 75 3.77 -9.20 -18.38
N ALA A 76 4.00 -8.14 -19.14
CA ALA A 76 4.74 -8.26 -20.39
C ALA A 76 6.17 -8.76 -20.12
N HIS A 77 6.68 -8.46 -18.93
CA HIS A 77 8.00 -8.92 -18.48
C HIS A 77 7.90 -10.19 -17.64
N SER A 78 6.72 -10.79 -17.59
CA SER A 78 6.48 -12.01 -16.81
C SER A 78 6.88 -11.87 -15.34
N ILE A 79 6.55 -10.73 -14.73
CA ILE A 79 6.87 -10.53 -13.33
C ILE A 79 5.81 -11.19 -12.44
N HIS A 80 6.24 -12.17 -11.64
CA HIS A 80 5.32 -12.89 -10.77
C HIS A 80 5.82 -12.87 -9.32
N CYS A 81 5.17 -13.65 -8.47
CA CYS A 81 5.45 -13.65 -7.03
C CYS A 81 6.94 -13.76 -6.68
N ASP A 82 7.64 -14.73 -7.25
CA ASP A 82 9.04 -14.94 -6.89
C ASP A 82 9.91 -13.75 -7.33
N ASP A 83 9.59 -13.15 -8.47
CA ASP A 83 10.31 -11.96 -8.93
C ASP A 83 10.12 -10.79 -7.96
N VAL A 84 8.91 -10.64 -7.44
CA VAL A 84 8.63 -9.54 -6.51
C VAL A 84 9.40 -9.74 -5.20
N LEU A 85 9.44 -10.98 -4.71
CA LEU A 85 10.20 -11.27 -3.49
C LEU A 85 11.70 -11.01 -3.69
N ASN A 86 12.23 -11.30 -4.88
CA ASN A 86 13.63 -11.01 -5.17
C ASN A 86 13.91 -9.50 -5.14
N MSE A 87 12.93 -8.72 -5.61
CA MSE A 87 13.05 -7.26 -5.53
C MSE A 87 13.07 -6.77 -4.09
O MSE A 87 13.83 -5.86 -3.74
CB MSE A 87 11.90 -6.60 -6.30
CG MSE A 87 12.01 -6.78 -7.81
SE MSE A 87 10.33 -6.31 -8.68
CE MSE A 87 10.87 -6.49 -10.53
N VAL A 88 12.22 -7.37 -3.25
CA VAL A 88 12.21 -7.01 -1.83
C VAL A 88 13.55 -7.35 -1.19
N ARG A 89 14.09 -8.52 -1.52
CA ARG A 89 15.41 -8.89 -1.01
C ARG A 89 16.49 -7.88 -1.40
N GLN A 90 16.47 -7.43 -2.66
CA GLN A 90 17.47 -6.48 -3.13
C GLN A 90 17.33 -5.15 -2.40
N PHE A 91 16.09 -4.69 -2.25
CA PHE A 91 15.77 -3.48 -1.51
C PHE A 91 16.29 -3.56 -0.06
N ARG A 92 16.10 -4.71 0.57
CA ARG A 92 16.48 -4.89 1.97
C ARG A 92 17.98 -4.85 2.21
N LYS A 93 18.76 -5.00 1.14
CA LYS A 93 20.20 -4.93 1.27
C LYS A 93 20.66 -3.55 1.74
N THR A 94 19.92 -2.50 1.40
CA THR A 94 20.30 -1.16 1.84
C THR A 94 19.16 -0.39 2.53
N ASP A 95 18.10 -1.09 2.92
CA ASP A 95 17.02 -0.49 3.69
C ASP A 95 16.35 -1.53 4.57
N THR A 96 16.61 -1.46 5.88
CA THR A 96 16.04 -2.43 6.80
C THR A 96 14.92 -1.84 7.66
N GLU A 97 14.72 -0.53 7.59
CA GLU A 97 13.75 0.15 8.44
C GLU A 97 12.36 0.27 7.81
N THR A 98 12.30 0.59 6.53
CA THR A 98 11.04 0.91 5.87
C THR A 98 10.13 -0.31 5.65
N PRO A 99 8.91 -0.29 6.21
CA PRO A 99 7.99 -1.42 6.03
C PRO A 99 7.60 -1.59 4.57
N VAL A 100 7.56 -2.83 4.12
CA VAL A 100 7.13 -3.11 2.75
C VAL A 100 5.86 -3.95 2.81
N ILE A 101 4.80 -3.45 2.19
CA ILE A 101 3.52 -4.17 2.09
C ILE A 101 3.34 -4.72 0.68
N LEU A 102 3.05 -6.01 0.56
CA LEU A 102 2.79 -6.61 -0.74
C LEU A 102 1.30 -6.60 -1.03
N MSE A 103 0.90 -5.99 -2.14
CA MSE A 103 -0.51 -5.93 -2.51
C MSE A 103 -0.76 -6.82 -3.71
O MSE A 103 -0.05 -6.74 -4.72
CB MSE A 103 -0.94 -4.50 -2.80
CG MSE A 103 -2.40 -4.36 -3.23
SE MSE A 103 -2.97 -2.50 -3.20
CE MSE A 103 -1.57 -1.84 -2.06
N GLY A 104 -1.76 -7.68 -3.61
CA GLY A 104 -2.02 -8.60 -4.70
C GLY A 104 -3.32 -9.34 -4.58
N TYR A 105 -3.58 -10.18 -5.58
CA TYR A 105 -4.79 -10.99 -5.60
C TYR A 105 -4.51 -12.32 -4.93
N LEU A 106 -5.56 -12.97 -4.48
CA LEU A 106 -5.44 -14.20 -3.73
C LEU A 106 -4.98 -15.38 -4.58
N ASN A 107 -5.40 -15.41 -5.84
CA ASN A 107 -5.17 -16.57 -6.69
C ASN A 107 -3.70 -16.94 -6.95
N PRO A 108 -2.85 -15.95 -7.31
CA PRO A 108 -1.44 -16.35 -7.48
C PRO A 108 -0.82 -16.88 -6.19
N ILE A 109 -1.26 -16.34 -5.05
CA ILE A 109 -0.69 -16.74 -3.76
C ILE A 109 -1.16 -18.13 -3.36
N GLU A 110 -2.43 -18.44 -3.58
CA GLU A 110 -2.93 -19.77 -3.28
C GLU A 110 -2.29 -20.81 -4.22
N GLN A 111 -2.01 -20.39 -5.45
CA GLN A 111 -1.30 -21.24 -6.41
C GLN A 111 0.12 -21.50 -5.94
N TYR A 112 0.75 -20.44 -5.48
CA TYR A 112 2.09 -20.50 -4.91
C TYR A 112 2.13 -21.40 -3.67
N GLY A 113 1.04 -21.34 -2.88
CA GLY A 113 0.98 -22.06 -1.61
C GLY A 113 1.05 -21.07 -0.45
N TYR A 114 0.04 -21.07 0.40
CA TYR A 114 -0.09 -20.07 1.46
C TYR A 114 1.10 -20.05 2.41
N ASP A 115 1.39 -21.20 2.99
CA ASP A 115 2.46 -21.28 3.98
C ASP A 115 3.81 -20.98 3.35
N LEU A 116 4.06 -21.55 2.17
CA LEU A 116 5.31 -21.29 1.47
C LEU A 116 5.43 -19.80 1.15
N PHE A 117 4.35 -19.19 0.68
CA PHE A 117 4.41 -17.77 0.35
C PHE A 117 4.71 -16.94 1.59
N ALA A 118 3.98 -17.20 2.68
CA ALA A 118 4.17 -16.45 3.91
C ALA A 118 5.61 -16.58 4.40
N GLN A 119 6.13 -17.80 4.40
CA GLN A 119 7.50 -18.04 4.83
C GLN A 119 8.51 -17.27 3.98
N GLN A 120 8.39 -17.37 2.66
CA GLN A 120 9.34 -16.70 1.75
C GLN A 120 9.20 -15.18 1.81
N ALA A 121 7.97 -14.70 1.94
CA ALA A 121 7.73 -13.25 1.99
C ALA A 121 8.38 -12.63 3.22
N VAL A 122 8.26 -13.31 4.36
CA VAL A 122 8.90 -12.85 5.59
C VAL A 122 10.43 -12.94 5.50
N GLU A 123 10.92 -14.03 4.93
CA GLU A 123 12.36 -14.22 4.74
C GLU A 123 12.93 -13.16 3.78
N ALA A 124 12.18 -12.84 2.73
CA ALA A 124 12.61 -11.80 1.79
C ALA A 124 12.64 -10.41 2.44
N GLY A 125 11.80 -10.21 3.45
CA GLY A 125 11.77 -8.95 4.18
C GLY A 125 10.49 -8.14 4.06
N ALA A 126 9.41 -8.79 3.59
CA ALA A 126 8.10 -8.15 3.56
C ALA A 126 7.45 -8.18 4.93
N ASP A 127 6.64 -7.18 5.23
CA ASP A 127 6.09 -7.06 6.59
C ASP A 127 4.60 -7.34 6.67
N GLY A 128 3.90 -7.19 5.55
CA GLY A 128 2.48 -7.46 5.53
C GLY A 128 1.97 -7.60 4.11
N THR A 129 0.67 -7.91 3.99
CA THR A 129 0.02 -8.05 2.69
C THR A 129 -1.35 -7.39 2.69
N ILE A 130 -1.71 -6.85 1.54
CA ILE A 130 -3.08 -6.49 1.26
C ILE A 130 -3.59 -7.41 0.16
N LEU A 131 -4.58 -8.25 0.51
CA LEU A 131 -5.17 -9.17 -0.47
C LEU A 131 -6.49 -8.59 -0.95
N VAL A 132 -6.48 -7.99 -2.13
CA VAL A 132 -7.56 -7.11 -2.56
C VAL A 132 -8.89 -7.84 -2.79
N ASP A 133 -8.83 -9.13 -3.09
CA ASP A 133 -10.04 -9.88 -3.42
C ASP A 133 -10.36 -10.94 -2.38
N LEU A 134 -9.84 -10.76 -1.18
CA LEU A 134 -10.12 -11.66 -0.07
C LEU A 134 -11.06 -10.97 0.92
N PRO A 135 -12.35 -11.27 0.85
CA PRO A 135 -13.26 -10.68 1.83
C PRO A 135 -12.99 -11.23 3.22
N PRO A 136 -13.16 -10.41 4.26
CA PRO A 136 -12.90 -10.79 5.65
C PRO A 136 -13.61 -12.08 6.05
N GLU A 137 -14.78 -12.34 5.47
CA GLU A 137 -15.53 -13.55 5.74
C GLU A 137 -14.77 -14.81 5.32
N GLU A 138 -13.84 -14.67 4.37
CA GLU A 138 -13.12 -15.83 3.83
C GLU A 138 -11.68 -15.93 4.33
N ALA A 139 -11.27 -15.00 5.20
CA ALA A 139 -9.84 -14.80 5.47
C ALA A 139 -9.28 -15.59 6.64
N ASP A 140 -10.04 -16.55 7.16
CA ASP A 140 -9.64 -17.24 8.39
C ASP A 140 -8.43 -18.14 8.23
N GLY A 141 -8.41 -18.94 7.17
CA GLY A 141 -7.26 -19.79 6.89
C GLY A 141 -6.00 -18.98 6.69
N VAL A 142 -6.10 -17.92 5.89
CA VAL A 142 -4.97 -17.04 5.59
C VAL A 142 -4.41 -16.38 6.85
N SER A 143 -5.31 -15.90 7.69
CA SER A 143 -4.92 -15.17 8.90
C SER A 143 -4.08 -16.04 9.82
N ARG A 144 -4.47 -17.31 9.96
CA ARG A 144 -3.76 -18.24 10.82
C ARG A 144 -2.34 -18.53 10.29
N VAL A 145 -2.22 -18.69 8.98
CA VAL A 145 -0.92 -18.94 8.36
C VAL A 145 -0.02 -17.71 8.49
N TRP A 146 -0.58 -16.53 8.20
CA TRP A 146 0.15 -15.27 8.33
C TRP A 146 0.64 -15.08 9.75
N GLN A 147 -0.24 -15.34 10.71
CA GLN A 147 0.10 -15.18 12.12
C GLN A 147 1.31 -16.05 12.51
N LYS A 148 1.33 -17.27 12.02
CA LYS A 148 2.41 -18.22 12.30
C LYS A 148 3.78 -17.66 11.90
N HIS A 149 3.82 -16.91 10.81
CA HIS A 149 5.09 -16.39 10.28
C HIS A 149 5.32 -14.93 10.65
N GLY A 150 4.37 -14.34 11.37
CA GLY A 150 4.49 -12.96 11.80
C GLY A 150 4.23 -11.97 10.67
N LEU A 151 3.55 -12.43 9.63
CA LEU A 151 3.18 -11.56 8.52
C LEU A 151 1.86 -10.84 8.84
N TYR A 152 1.81 -9.53 8.66
CA TYR A 152 0.62 -8.76 8.98
C TYR A 152 -0.42 -8.79 7.88
N SER A 153 -1.69 -8.87 8.25
CA SER A 153 -2.78 -8.77 7.30
C SER A 153 -3.36 -7.38 7.35
N ILE A 154 -3.28 -6.66 6.23
CA ILE A 154 -3.89 -5.33 6.12
C ILE A 154 -5.25 -5.46 5.43
N TYR A 155 -6.31 -5.11 6.15
CA TYR A 155 -7.66 -5.27 5.64
C TYR A 155 -8.25 -3.97 5.10
N LEU A 156 -9.17 -4.09 4.17
CA LEU A 156 -9.87 -2.93 3.63
C LEU A 156 -11.13 -2.68 4.44
N CYS A 157 -11.56 -1.43 4.50
CA CYS A 157 -12.92 -1.14 4.96
C CYS A 157 -13.43 0.07 4.19
N SER A 158 -14.70 0.40 4.44
CA SER A 158 -15.41 1.36 3.60
C SER A 158 -16.49 2.05 4.43
N PRO A 159 -17.21 3.01 3.85
CA PRO A 159 -18.37 3.55 4.57
C PRO A 159 -19.43 2.50 4.94
N THR A 160 -19.48 1.39 4.20
CA THR A 160 -20.57 0.44 4.38
C THR A 160 -20.16 -0.90 4.99
N THR A 161 -18.93 -0.99 5.50
CA THR A 161 -18.48 -2.20 6.18
C THR A 161 -19.47 -2.62 7.27
N SER A 162 -20.00 -3.82 7.16
CA SER A 162 -21.05 -4.29 8.09
C SER A 162 -20.51 -4.49 9.50
N ALA A 163 -21.42 -4.55 10.47
CA ALA A 163 -21.05 -4.79 11.86
C ALA A 163 -20.26 -6.09 12.03
N GLU A 164 -20.75 -7.18 11.44
CA GLU A 164 -20.08 -8.47 11.58
C GLU A 164 -18.75 -8.50 10.83
N ARG A 165 -18.69 -7.87 9.66
CA ARG A 165 -17.43 -7.78 8.92
C ARG A 165 -16.41 -6.98 9.71
N MSE A 166 -16.84 -5.88 10.32
CA MSE A 166 -15.95 -5.09 11.16
C MSE A 166 -15.43 -5.94 12.32
O MSE A 166 -14.25 -5.86 12.68
CB MSE A 166 -16.66 -3.85 11.69
CG MSE A 166 -15.69 -2.75 12.12
SE MSE A 166 -14.47 -2.21 10.69
CE MSE A 166 -12.85 -2.09 11.72
N ASN A 167 -16.32 -6.75 12.89
CA ASN A 167 -15.93 -7.75 13.89
C ASN A 167 -14.91 -8.71 13.30
N PHE A 168 -15.06 -9.06 12.02
CA PHE A 168 -14.08 -9.90 11.35
C PHE A 168 -12.74 -9.18 11.15
N ILE A 169 -12.79 -7.88 10.92
CA ILE A 169 -11.58 -7.13 10.64
C ILE A 169 -10.82 -6.85 11.93
N ASN A 170 -11.53 -6.49 13.00
CA ASN A 170 -10.86 -6.10 14.23
C ASN A 170 -10.04 -7.20 14.93
N GLN A 171 -10.46 -8.46 14.86
CA GLN A 171 -9.72 -9.50 15.59
C GLN A 171 -8.69 -10.26 14.74
N HIS A 172 -8.62 -9.94 13.45
CA HIS A 172 -7.55 -10.50 12.61
C HIS A 172 -6.61 -9.49 11.97
N ALA A 173 -7.02 -8.22 11.90
CA ALA A 173 -6.17 -7.21 11.24
C ALA A 173 -5.02 -6.79 12.14
N ASN A 174 -3.88 -6.47 11.57
CA ASN A 174 -2.81 -5.85 12.34
C ASN A 174 -2.21 -4.67 11.60
N GLY A 175 -1.57 -3.77 12.34
CA GLY A 175 -0.87 -2.67 11.72
C GLY A 175 -1.79 -1.52 11.44
N TYR A 176 -2.46 -1.55 10.29
CA TYR A 176 -3.40 -0.50 9.96
C TYR A 176 -4.48 -1.00 9.02
N LEU A 177 -5.52 -0.19 8.84
CA LEU A 177 -6.57 -0.52 7.90
C LEU A 177 -6.51 0.40 6.71
N TYR A 178 -7.00 -0.11 5.57
CA TYR A 178 -7.03 0.57 4.30
C TYR A 178 -8.47 1.04 4.02
N TYR A 179 -8.70 2.36 4.00
CA TYR A 179 -10.05 2.90 3.79
C TYR A 179 -10.33 3.28 2.34
N VAL A 180 -11.39 2.73 1.78
CA VAL A 180 -11.81 3.11 0.43
C VAL A 180 -13.30 3.39 0.34
N SER A 181 -13.67 4.43 -0.41
CA SER A 181 -15.06 4.67 -0.75
C SER A 181 -15.25 4.35 -2.22
N LEU A 182 -15.87 3.20 -2.50
CA LEU A 182 -15.97 2.65 -3.84
C LEU A 182 -14.57 2.45 -4.43
N ALA A 190 -18.13 10.68 -7.13
CA ALA A 190 -18.95 11.84 -6.80
C ALA A 190 -18.84 12.20 -5.31
N LEU A 191 -17.89 11.59 -4.62
CA LEU A 191 -17.71 11.83 -3.19
C LEU A 191 -16.94 13.11 -2.94
N LYS A 192 -17.46 13.95 -2.05
CA LYS A 192 -16.82 15.22 -1.74
C LYS A 192 -16.15 15.21 -0.37
N LEU A 193 -15.22 16.14 -0.17
CA LEU A 193 -14.34 16.15 1.00
C LEU A 193 -15.07 16.13 2.37
N PRO A 194 -16.11 16.97 2.55
CA PRO A 194 -16.78 16.88 3.85
C PRO A 194 -17.50 15.56 4.08
N GLU A 195 -18.05 14.96 3.02
CA GLU A 195 -18.67 13.64 3.15
C GLU A 195 -17.60 12.61 3.50
N LEU A 196 -16.48 12.68 2.78
CA LEU A 196 -15.36 11.79 3.03
C LEU A 196 -14.89 11.90 4.49
N LYS A 197 -14.72 13.12 4.97
CA LYS A 197 -14.31 13.33 6.34
C LYS A 197 -15.30 12.71 7.33
N ALA A 198 -16.59 12.99 7.14
CA ALA A 198 -17.64 12.47 8.03
C ALA A 198 -17.66 10.95 8.08
N GLN A 199 -17.65 10.32 6.92
CA GLN A 199 -17.69 8.86 6.81
C GLN A 199 -16.41 8.21 7.30
N TYR A 200 -15.28 8.83 7.00
CA TYR A 200 -14.00 8.33 7.48
C TYR A 200 -13.96 8.32 9.01
N LEU A 201 -14.33 9.43 9.65
CA LEU A 201 -14.27 9.50 11.11
C LEU A 201 -15.23 8.51 11.75
N GLN A 202 -16.36 8.28 11.10
CA GLN A 202 -17.35 7.31 11.56
C GLN A 202 -16.81 5.88 11.49
N ARG A 203 -16.12 5.55 10.40
CA ARG A 203 -15.52 4.22 10.25
C ARG A 203 -14.35 4.05 11.22
N LYS A 204 -13.56 5.11 11.39
CA LYS A 204 -12.42 5.08 12.29
C LYS A 204 -12.82 4.77 13.73
N ALA A 205 -13.99 5.27 14.13
CA ALA A 205 -14.51 5.02 15.48
C ALA A 205 -14.82 3.53 15.70
N GLN A 206 -15.03 2.79 14.61
CA GLN A 206 -15.32 1.36 14.68
C GLN A 206 -14.08 0.49 14.61
N SER A 207 -12.92 1.10 14.36
CA SER A 207 -11.70 0.33 14.16
CA SER A 207 -11.68 0.36 14.15
C SER A 207 -10.73 0.43 15.34
N LYS A 208 -10.10 -0.70 15.65
CA LYS A 208 -9.06 -0.74 16.67
C LYS A 208 -7.78 -0.09 16.16
N LEU A 209 -7.56 -0.21 14.85
CA LEU A 209 -6.31 0.23 14.22
C LEU A 209 -6.45 1.60 13.58
N PRO A 210 -5.30 2.28 13.33
CA PRO A 210 -5.33 3.50 12.51
C PRO A 210 -5.85 3.21 11.11
N LEU A 211 -6.43 4.24 10.49
CA LEU A 211 -7.11 4.09 9.22
C LEU A 211 -6.49 5.01 8.16
N MSE A 212 -5.96 4.42 7.10
CA MSE A 212 -5.32 5.21 6.06
C MSE A 212 -6.25 5.35 4.85
O MSE A 212 -6.83 4.36 4.39
CB MSE A 212 -4.00 4.57 5.65
CG MSE A 212 -3.19 4.06 6.83
SE MSE A 212 -2.78 5.49 8.11
CE MSE A 212 -1.64 4.51 9.34
N VAL A 213 -6.39 6.57 4.34
CA VAL A 213 -7.23 6.85 3.18
C VAL A 213 -6.53 6.43 1.88
N GLY A 214 -7.14 5.53 1.12
CA GLY A 214 -6.45 4.87 0.03
C GLY A 214 -6.97 5.12 -1.37
N PHE A 215 -7.58 6.28 -1.59
CA PHE A 215 -8.13 6.62 -2.89
C PHE A 215 -8.26 8.13 -3.03
N GLY A 216 -8.22 8.61 -4.27
CA GLY A 216 -8.56 9.98 -4.57
C GLY A 216 -7.49 11.02 -4.26
N ILE A 217 -6.25 10.59 -4.08
CA ILE A 217 -5.20 11.53 -3.74
C ILE A 217 -4.30 11.80 -4.94
N LYS A 218 -4.64 12.83 -5.69
CA LYS A 218 -3.95 13.13 -6.95
C LYS A 218 -2.90 14.23 -6.82
N THR A 219 -3.09 15.12 -5.85
CA THR A 219 -2.25 16.32 -5.76
C THR A 219 -1.73 16.52 -4.33
N PRO A 220 -0.64 17.31 -4.19
CA PRO A 220 -0.19 17.71 -2.85
C PRO A 220 -1.31 18.38 -2.06
N GLU A 221 -2.13 19.19 -2.73
CA GLU A 221 -3.24 19.88 -2.05
C GLU A 221 -4.24 18.91 -1.43
N MSE A 222 -4.67 17.95 -2.22
CA MSE A 222 -5.64 16.97 -1.74
C MSE A 222 -5.03 16.12 -0.62
O MSE A 222 -5.71 15.76 0.33
CB MSE A 222 -6.12 16.08 -2.89
CG MSE A 222 -7.18 15.06 -2.48
SE MSE A 222 -8.74 15.85 -1.60
CE MSE A 222 -9.39 16.99 -3.04
N ALA A 223 -3.74 15.81 -0.74
CA ALA A 223 -3.04 15.02 0.27
C ALA A 223 -3.07 15.74 1.61
N ALA A 224 -2.85 17.05 1.58
CA ALA A 224 -2.88 17.87 2.78
C ALA A 224 -4.30 17.99 3.37
N GLN A 225 -5.29 18.14 2.49
CA GLN A 225 -6.68 18.28 2.92
C GLN A 225 -7.13 17.04 3.65
N VAL A 226 -6.69 15.88 3.18
CA VAL A 226 -7.10 14.62 3.77
C VAL A 226 -6.32 14.37 5.07
N ALA A 227 -5.02 14.65 5.02
CA ALA A 227 -4.15 14.42 6.18
C ALA A 227 -4.54 15.27 7.38
N GLU A 228 -5.30 16.33 7.13
CA GLU A 228 -5.79 17.21 8.19
C GLU A 228 -6.68 16.44 9.19
N PHE A 229 -7.41 15.43 8.73
CA PHE A 229 -8.24 14.63 9.61
C PHE A 229 -7.88 13.15 9.64
N ALA A 230 -7.14 12.67 8.65
CA ALA A 230 -6.86 11.24 8.53
C ALA A 230 -5.52 10.85 9.15
N ASP A 231 -5.41 9.60 9.56
CA ASP A 231 -4.19 9.05 10.17
C ASP A 231 -3.04 8.99 9.17
N GLY A 232 -3.39 8.81 7.91
CA GLY A 232 -2.41 8.63 6.85
C GLY A 232 -3.06 8.59 5.49
N VAL A 233 -2.24 8.65 4.45
CA VAL A 233 -2.72 8.73 3.08
CA VAL A 233 -2.71 8.74 3.08
C VAL A 233 -1.96 7.76 2.17
N ILE A 234 -2.69 7.07 1.30
CA ILE A 234 -2.10 6.14 0.36
C ILE A 234 -2.24 6.67 -1.05
N VAL A 235 -1.12 6.78 -1.77
CA VAL A 235 -1.11 7.33 -3.11
CA VAL A 235 -1.14 7.32 -3.12
C VAL A 235 -0.77 6.27 -4.15
N GLY A 236 -1.73 5.94 -5.01
CA GLY A 236 -1.53 4.92 -6.01
C GLY A 236 -1.49 5.44 -7.43
N ALA A 237 -2.68 5.61 -8.02
CA ALA A 237 -2.81 5.94 -9.42
C ALA A 237 -2.01 7.17 -9.83
N ALA A 238 -1.94 8.15 -8.94
CA ALA A 238 -1.27 9.41 -9.23
C ALA A 238 0.23 9.21 -9.46
N LEU A 239 0.83 8.38 -8.62
CA LEU A 239 2.26 8.12 -8.73
C LEU A 239 2.58 7.25 -9.94
N ILE A 240 1.77 6.21 -10.13
CA ILE A 240 1.90 5.33 -11.31
C ILE A 240 1.84 6.17 -12.58
N ASN A 241 0.88 7.09 -12.64
CA ASN A 241 0.74 7.95 -13.79
C ASN A 241 1.94 8.86 -13.98
N GLU A 242 2.46 9.40 -12.89
CA GLU A 242 3.61 10.30 -12.96
C GLU A 242 4.83 9.57 -13.50
N ILE A 243 5.00 8.32 -13.07
CA ILE A 243 6.13 7.50 -13.49
C ILE A 243 6.03 7.10 -14.96
N ILE A 244 4.88 6.60 -15.39
CA ILE A 244 4.76 6.13 -16.77
C ILE A 244 4.76 7.30 -17.75
N GLU A 245 4.25 8.46 -17.32
CA GLU A 245 4.32 9.65 -18.17
C GLU A 245 5.76 10.11 -18.38
N ALA A 246 6.57 10.04 -17.33
CA ALA A 246 7.99 10.36 -17.42
C ALA A 246 8.69 9.41 -18.38
N TYR A 247 8.43 8.11 -18.21
CA TYR A 247 9.02 7.09 -19.07
C TYR A 247 8.67 7.32 -20.54
N GLU A 248 7.39 7.59 -20.82
CA GLU A 248 6.94 7.78 -22.21
C GLU A 248 7.46 9.09 -22.81
N ALA A 249 7.76 10.08 -21.96
CA ALA A 249 8.28 11.35 -22.45
C ALA A 249 9.81 11.34 -22.53
N LYS A 250 10.40 10.18 -22.24
CA LYS A 250 11.85 10.01 -22.18
C LYS A 250 12.49 10.99 -21.18
N LYS A 251 11.90 11.04 -19.99
CA LYS A 251 12.48 11.80 -18.89
C LYS A 251 12.76 10.84 -17.73
N ASP A 252 13.48 11.33 -16.73
CA ASP A 252 13.87 10.53 -15.57
C ASP A 252 12.68 10.26 -14.65
N PRO A 253 12.25 8.98 -14.58
CA PRO A 253 11.11 8.60 -13.73
C PRO A 253 11.42 8.76 -12.25
N LEU A 254 12.70 8.68 -11.88
CA LEU A 254 13.09 8.84 -10.48
C LEU A 254 12.89 10.29 -10.04
N GLN A 255 13.26 11.22 -10.93
CA GLN A 255 13.06 12.63 -10.65
C GLN A 255 11.58 12.92 -10.51
N ALA A 256 10.81 12.46 -11.50
CA ALA A 256 9.38 12.73 -11.55
C ALA A 256 8.63 12.21 -10.32
N SER A 257 8.87 10.95 -9.98
CA SER A 257 8.19 10.35 -8.84
C SER A 257 8.64 11.01 -7.54
N GLY A 258 9.93 11.30 -7.46
CA GLY A 258 10.50 11.94 -6.29
C GLY A 258 9.92 13.32 -6.03
N ALA A 259 9.78 14.13 -7.08
CA ALA A 259 9.25 15.47 -6.94
C ALA A 259 7.79 15.45 -6.50
N LEU A 260 7.03 14.50 -7.04
CA LEU A 260 5.62 14.39 -6.69
C LEU A 260 5.45 13.99 -5.24
N LEU A 261 6.11 12.92 -4.82
CA LEU A 261 5.96 12.47 -3.45
C LEU A 261 6.52 13.49 -2.44
N SER A 262 7.63 14.14 -2.79
CA SER A 262 8.23 15.13 -1.91
CA SER A 262 8.22 15.12 -1.89
C SER A 262 7.31 16.33 -1.70
N SER A 263 6.57 16.71 -2.74
CA SER A 263 5.64 17.83 -2.63
CA SER A 263 5.64 17.84 -2.62
C SER A 263 4.46 17.45 -1.75
N MSE A 264 4.10 16.17 -1.76
CA MSE A 264 3.03 15.68 -0.92
C MSE A 264 3.49 15.60 0.53
O MSE A 264 2.77 16.00 1.43
CB MSE A 264 2.54 14.32 -1.38
CG MSE A 264 1.83 14.37 -2.73
SE MSE A 264 1.20 12.61 -3.22
CE MSE A 264 0.19 13.11 -4.82
N ARG A 265 4.71 15.10 0.74
CA ARG A 265 5.32 15.05 2.06
C ARG A 265 5.33 16.43 2.71
N GLN A 266 5.76 17.44 1.95
CA GLN A 266 5.85 18.79 2.49
C GLN A 266 4.47 19.40 2.75
N ALA A 267 3.54 19.19 1.83
CA ALA A 267 2.18 19.69 1.98
C ALA A 267 1.53 19.11 3.24
N ILE A 268 1.72 17.82 3.45
CA ILE A 268 1.18 17.13 4.61
C ILE A 268 1.81 17.61 5.92
N ASP A 269 3.12 17.77 5.94
CA ASP A 269 3.85 18.17 7.14
C ASP A 269 3.63 19.65 7.48
N ASN A 270 3.26 20.44 6.47
CA ASN A 270 2.92 21.84 6.70
C ASN A 270 1.41 22.01 6.89
N ILE A 271 0.73 20.89 7.12
CA ILE A 271 -0.73 20.88 7.32
C ILE A 271 -1.09 20.15 8.62
#